data_5JJW
#
_entry.id   5JJW
#
_cell.length_a   117.925
_cell.length_b   117.925
_cell.length_c   205.326
_cell.angle_alpha   90.000
_cell.angle_beta   90.000
_cell.angle_gamma   120.000
#
_symmetry.space_group_name_H-M   'P 64 2 2'
#
loop_
_entity.id
_entity.type
_entity.pdbx_description
1 polymer 'Squamous cell carcinoma antigen recognized by T-cells 3'
2 polymer 'Ubiquitin carboxyl-terminal hydrolase 15'
3 non-polymer 1,2-ETHANEDIOL
4 non-polymer 'UNKNOWN ATOM OR ION'
5 water water
#
loop_
_entity_poly.entity_id
_entity_poly.type
_entity_poly.pdbx_seq_one_letter_code
_entity_poly.pdbx_strand_id
1 'polypeptide(L)'
;(MSE)SVIQNYNKALQQLEKYKPYEEALLQAEAPRLAEYQAYIDFE(MSE)KIGDPARIQLIFERALVENCLVPDLWIRY
SQYLDRQLKVKDLVLSVHNRAIRNCPWTVALWSRYLLA(MSE)ERHGVDHQVISVTFEKALNAGFIQATDYVEIWQAYLD
YLRRRVDFKQDSSKELEELRAAFTRALEYLKQEVEERFNESGDPSCVI(MSE)QNWARIEARLCNN(MSE)QKARELWDS
I(MSE)TRGNAKYAN(MSE)WLEYYNLERAHGDTQHCRKALHRAVQCTSDYPEHVCEVLLT(MSE)ERTEGSLEDWDIAV
QKTETRLARVNE
;
A
2 'polypeptide(L)'
;G(MSE)AEGGAADLDTQRSDIATLLKTSLRKGDTWYLVDSRWFKQWKKYVGFDSWDKYQ(MSE)GDQNVYPGPIDNSGLL
KDGDAQSLKEHLIDELDYILLPTEGWNKLVSWYTL(MSE)EGQEPIARKVVEQG(MSE)FVKHCKVEVYLTELKLCENGN
(MSE)NNVVTRRFSKADTIDTIEKEIRKIFSIPDEKETRLWNKY(MSE)SNTFEPLNKPDSTIQDAGLYQGQVLVIEQKN
EDGTWPRG
;
B
#
# COMPACT_ATOMS: atom_id res chain seq x y z
N SER A 2 -54.86 -21.22 -23.63
CA SER A 2 -55.03 -22.34 -24.56
C SER A 2 -53.72 -22.64 -25.31
N VAL A 3 -53.60 -23.86 -25.91
CA VAL A 3 -52.40 -24.25 -26.66
C VAL A 3 -52.11 -23.19 -27.70
N ILE A 4 -53.12 -22.89 -28.52
CA ILE A 4 -53.02 -21.86 -29.55
C ILE A 4 -52.83 -20.45 -28.96
N GLN A 5 -53.61 -20.08 -27.93
CA GLN A 5 -53.46 -18.74 -27.33
C GLN A 5 -52.01 -18.48 -26.88
N ASN A 6 -51.31 -19.52 -26.36
CA ASN A 6 -49.91 -19.42 -25.97
C ASN A 6 -49.05 -19.29 -27.23
N TYR A 7 -49.27 -20.19 -28.24
CA TYR A 7 -48.54 -20.17 -29.53
C TYR A 7 -48.49 -18.78 -30.14
N ASN A 8 -49.62 -18.09 -30.13
CA ASN A 8 -49.71 -16.76 -30.69
C ASN A 8 -49.00 -15.77 -29.84
N LYS A 9 -49.27 -15.79 -28.51
CA LYS A 9 -48.63 -14.85 -27.55
C LYS A 9 -47.12 -14.94 -27.68
N ALA A 10 -46.60 -16.16 -27.90
CA ALA A 10 -45.19 -16.45 -28.10
C ALA A 10 -44.66 -15.75 -29.34
N LEU A 11 -45.24 -16.08 -30.50
CA LEU A 11 -44.95 -15.47 -31.82
C LEU A 11 -45.03 -13.95 -31.78
N GLN A 12 -46.09 -13.42 -31.16
CA GLN A 12 -46.33 -11.98 -31.03
C GLN A 12 -45.13 -11.32 -30.36
N GLN A 13 -44.56 -11.99 -29.36
CA GLN A 13 -43.41 -11.45 -28.62
C GLN A 13 -42.06 -11.76 -29.29
N LEU A 14 -42.08 -12.20 -30.56
CA LEU A 14 -40.89 -12.44 -31.36
C LEU A 14 -40.86 -11.51 -32.59
N GLU A 15 -41.87 -10.65 -32.78
CA GLU A 15 -41.89 -9.72 -33.91
C GLU A 15 -40.86 -8.61 -33.66
N LYS A 16 -40.88 -8.02 -32.45
CA LYS A 16 -39.97 -6.93 -32.08
C LYS A 16 -38.49 -7.20 -32.39
N TYR A 17 -38.07 -8.49 -32.44
CA TYR A 17 -36.68 -8.84 -32.71
C TYR A 17 -36.40 -9.14 -34.18
N LYS A 18 -37.41 -9.13 -35.08
CA LYS A 18 -37.20 -9.47 -36.50
C LYS A 18 -36.14 -8.56 -37.15
N PRO A 19 -36.29 -7.22 -37.11
CA PRO A 19 -35.19 -6.36 -37.62
C PRO A 19 -33.79 -6.78 -37.15
N TYR A 20 -33.65 -7.03 -35.85
CA TYR A 20 -32.37 -7.38 -35.22
C TYR A 20 -31.79 -8.70 -35.73
N GLU A 21 -32.67 -9.60 -36.12
CA GLU A 21 -32.32 -10.92 -36.64
C GLU A 21 -31.99 -10.85 -38.11
N GLU A 22 -32.70 -9.97 -38.87
CA GLU A 22 -32.39 -9.81 -40.31
C GLU A 22 -31.07 -9.09 -40.41
N ALA A 23 -30.90 -8.03 -39.60
CA ALA A 23 -29.66 -7.27 -39.50
C ALA A 23 -28.49 -8.23 -39.33
N LEU A 24 -28.60 -9.18 -38.38
CA LEU A 24 -27.58 -10.20 -38.18
C LEU A 24 -27.43 -11.07 -39.42
N LEU A 25 -28.54 -11.65 -39.89
CA LEU A 25 -28.54 -12.56 -41.04
C LEU A 25 -27.90 -11.94 -42.29
N GLN A 26 -28.34 -10.73 -42.66
CA GLN A 26 -27.83 -10.04 -43.85
C GLN A 26 -26.35 -9.67 -43.65
N ALA A 27 -25.91 -9.46 -42.41
CA ALA A 27 -24.52 -9.14 -42.15
C ALA A 27 -23.62 -10.36 -42.24
N GLU A 28 -22.33 -10.12 -42.50
CA GLU A 28 -21.30 -11.14 -42.61
C GLU A 28 -20.55 -11.17 -41.29
N ALA A 29 -19.91 -12.31 -40.99
CA ALA A 29 -19.12 -12.53 -39.78
C ALA A 29 -17.98 -11.48 -39.61
N PRO A 30 -17.71 -10.98 -38.38
CA PRO A 30 -18.30 -11.35 -37.09
C PRO A 30 -19.58 -10.60 -36.67
N ARG A 31 -20.14 -9.70 -37.51
CA ARG A 31 -21.39 -8.96 -37.23
C ARG A 31 -21.35 -8.16 -35.91
N LEU A 32 -20.23 -7.48 -35.67
CA LEU A 32 -20.04 -6.70 -34.45
C LEU A 32 -21.12 -5.65 -34.24
N ALA A 33 -21.28 -4.72 -35.17
CA ALA A 33 -22.26 -3.65 -35.01
C ALA A 33 -23.69 -4.18 -34.88
N GLU A 34 -23.98 -5.30 -35.52
CA GLU A 34 -25.32 -5.91 -35.52
C GLU A 34 -25.58 -6.57 -34.16
N TYR A 35 -24.59 -7.28 -33.59
CA TYR A 35 -24.70 -7.82 -32.22
C TYR A 35 -24.80 -6.64 -31.20
N GLN A 36 -23.96 -5.58 -31.37
CA GLN A 36 -23.95 -4.43 -30.46
C GLN A 36 -25.36 -3.80 -30.30
N ALA A 37 -26.09 -3.64 -31.42
CA ALA A 37 -27.45 -3.09 -31.39
C ALA A 37 -28.37 -4.04 -30.69
N TYR A 38 -28.29 -5.33 -31.04
CA TYR A 38 -29.16 -6.35 -30.44
C TYR A 38 -28.93 -6.37 -28.89
N ILE A 39 -27.64 -6.23 -28.47
CA ILE A 39 -27.32 -6.12 -27.05
C ILE A 39 -27.95 -4.85 -26.51
N ASP A 40 -27.75 -3.72 -27.20
CA ASP A 40 -28.34 -2.45 -26.77
C ASP A 40 -29.87 -2.60 -26.55
N PHE A 41 -30.54 -3.19 -27.54
CA PHE A 41 -31.98 -3.39 -27.54
C PHE A 41 -32.47 -4.32 -26.44
N GLU A 42 -31.84 -5.49 -26.32
CA GLU A 42 -32.22 -6.50 -25.33
C GLU A 42 -32.01 -6.01 -23.91
N LYS A 44 -32.28 -2.92 -22.95
CA LYS A 44 -33.36 -1.96 -22.68
C LYS A 44 -34.60 -2.77 -22.29
N ILE A 45 -34.94 -3.89 -23.05
CA ILE A 45 -36.09 -4.74 -22.73
C ILE A 45 -35.97 -5.18 -21.28
N GLY A 46 -34.84 -5.82 -20.97
CA GLY A 46 -34.53 -6.27 -19.62
C GLY A 46 -34.80 -7.72 -19.28
N ASP A 47 -34.88 -8.64 -20.28
CA ASP A 47 -35.12 -10.06 -19.91
C ASP A 47 -33.76 -10.67 -19.65
N PRO A 48 -33.44 -11.07 -18.39
CA PRO A 48 -32.10 -11.62 -18.12
C PRO A 48 -31.70 -12.81 -18.98
N ALA A 49 -32.67 -13.72 -19.23
CA ALA A 49 -32.42 -14.89 -20.07
C ALA A 49 -32.00 -14.49 -21.49
N ARG A 50 -32.71 -13.51 -22.07
CA ARG A 50 -32.41 -13.04 -23.42
C ARG A 50 -31.10 -12.26 -23.51
N ILE A 51 -30.76 -11.48 -22.46
CA ILE A 51 -29.55 -10.68 -22.45
C ILE A 51 -28.37 -11.63 -22.34
N GLN A 52 -28.52 -12.67 -21.52
CA GLN A 52 -27.45 -13.63 -21.40
C GLN A 52 -27.24 -14.29 -22.75
N LEU A 53 -28.31 -14.64 -23.45
CA LEU A 53 -28.24 -15.29 -24.76
C LEU A 53 -27.59 -14.45 -25.85
N ILE A 54 -28.00 -13.20 -25.99
CA ILE A 54 -27.44 -12.36 -27.06
C ILE A 54 -25.93 -12.07 -26.84
N PHE A 55 -25.50 -11.90 -25.54
CA PHE A 55 -24.08 -11.75 -25.21
C PHE A 55 -23.37 -13.03 -25.63
N GLU A 56 -23.96 -14.18 -25.30
CA GLU A 56 -23.42 -15.48 -25.66
C GLU A 56 -23.33 -15.68 -27.15
N ARG A 57 -24.35 -15.18 -27.88
CA ARG A 57 -24.33 -15.25 -29.33
C ARG A 57 -23.15 -14.41 -29.85
N ALA A 58 -22.96 -13.19 -29.32
CA ALA A 58 -21.84 -12.33 -29.73
C ALA A 58 -20.48 -12.97 -29.49
N LEU A 59 -20.30 -13.70 -28.38
CA LEU A 59 -19.01 -14.33 -28.06
C LEU A 59 -18.66 -15.45 -29.02
N VAL A 60 -19.66 -16.14 -29.61
CA VAL A 60 -19.37 -17.24 -30.56
C VAL A 60 -18.60 -16.66 -31.77
N GLU A 61 -18.73 -15.34 -32.01
CA GLU A 61 -18.07 -14.64 -33.11
C GLU A 61 -17.11 -13.48 -32.69
N ASN A 62 -17.07 -13.10 -31.41
CA ASN A 62 -16.29 -11.95 -30.94
C ASN A 62 -15.72 -12.13 -29.49
N CYS A 63 -15.37 -13.37 -29.09
CA CYS A 63 -14.76 -13.61 -27.78
C CYS A 63 -13.37 -12.98 -27.70
N LEU A 64 -12.70 -12.83 -28.85
CA LEU A 64 -11.39 -12.18 -28.92
C LEU A 64 -11.39 -10.73 -28.41
N VAL A 65 -12.56 -10.02 -28.41
CA VAL A 65 -12.65 -8.61 -27.98
C VAL A 65 -12.82 -8.47 -26.46
N PRO A 66 -11.80 -7.96 -25.72
CA PRO A 66 -11.95 -7.80 -24.26
C PRO A 66 -13.17 -7.00 -23.84
N ASP A 67 -13.50 -5.94 -24.57
CA ASP A 67 -14.62 -5.07 -24.23
C ASP A 67 -15.94 -5.75 -24.14
N LEU A 68 -16.17 -6.77 -24.99
CA LEU A 68 -17.43 -7.53 -24.93
C LEU A 68 -17.51 -8.25 -23.57
N TRP A 69 -16.39 -8.86 -23.11
CA TRP A 69 -16.33 -9.51 -21.80
C TRP A 69 -16.65 -8.53 -20.68
N ILE A 70 -16.09 -7.32 -20.75
CA ILE A 70 -16.32 -6.29 -19.74
C ILE A 70 -17.79 -5.90 -19.74
N ARG A 71 -18.39 -5.75 -20.93
CA ARG A 71 -19.79 -5.37 -21.05
C ARG A 71 -20.69 -6.45 -20.47
N TYR A 72 -20.42 -7.69 -20.83
CA TYR A 72 -21.17 -8.83 -20.32
C TYR A 72 -20.97 -9.00 -18.80
N SER A 73 -19.72 -8.96 -18.33
CA SER A 73 -19.41 -9.11 -16.89
C SER A 73 -20.08 -7.97 -16.09
N GLN A 74 -19.79 -6.72 -16.44
CA GLN A 74 -20.43 -5.56 -15.79
C GLN A 74 -21.96 -5.73 -15.63
N TYR A 75 -22.63 -6.31 -16.64
CA TYR A 75 -24.08 -6.49 -16.57
C TYR A 75 -24.42 -7.49 -15.46
N LEU A 76 -23.74 -8.62 -15.44
CA LEU A 76 -23.98 -9.65 -14.43
C LEU A 76 -23.60 -9.17 -13.02
N ASP A 77 -22.49 -8.40 -12.94
CA ASP A 77 -22.03 -7.82 -11.69
C ASP A 77 -23.10 -6.88 -11.11
N ARG A 78 -23.52 -5.91 -11.93
CA ARG A 78 -24.44 -4.88 -11.48
C ARG A 78 -25.93 -5.21 -11.51
N GLN A 79 -26.35 -6.19 -12.30
CA GLN A 79 -27.78 -6.48 -12.49
C GLN A 79 -28.19 -7.86 -12.09
N LEU A 80 -27.58 -8.94 -12.64
CA LEU A 80 -28.06 -10.28 -12.29
C LEU A 80 -27.63 -10.65 -10.84
N LYS A 81 -26.39 -10.31 -10.46
CA LYS A 81 -25.87 -10.50 -9.10
C LYS A 81 -25.98 -11.95 -8.57
N VAL A 82 -25.83 -12.92 -9.47
CA VAL A 82 -25.82 -14.36 -9.12
C VAL A 82 -24.37 -14.86 -9.17
N LYS A 83 -23.76 -15.12 -7.98
CA LYS A 83 -22.39 -15.61 -7.82
C LYS A 83 -22.02 -16.65 -8.89
N ASP A 84 -22.85 -17.68 -9.02
CA ASP A 84 -22.59 -18.78 -9.96
C ASP A 84 -22.40 -18.27 -11.41
N LEU A 85 -23.45 -17.68 -11.99
CA LEU A 85 -23.46 -17.18 -13.35
C LEU A 85 -22.44 -16.05 -13.51
N VAL A 86 -22.18 -15.28 -12.43
CA VAL A 86 -21.24 -14.15 -12.47
C VAL A 86 -19.79 -14.59 -12.61
N LEU A 87 -19.29 -15.39 -11.65
CA LEU A 87 -17.89 -15.76 -11.60
C LEU A 87 -17.45 -16.60 -12.80
N SER A 88 -18.39 -17.38 -13.36
CA SER A 88 -18.15 -18.19 -14.57
C SER A 88 -17.60 -17.31 -15.73
N VAL A 89 -18.24 -16.14 -15.94
CA VAL A 89 -17.90 -15.23 -17.04
C VAL A 89 -16.58 -14.55 -16.74
N HIS A 90 -16.33 -14.17 -15.47
CA HIS A 90 -15.04 -13.59 -15.11
C HIS A 90 -13.91 -14.62 -15.28
N ASN A 91 -14.22 -15.89 -15.11
CA ASN A 91 -13.23 -16.93 -15.30
C ASN A 91 -12.93 -17.06 -16.79
N ARG A 92 -13.99 -17.09 -17.60
CA ARG A 92 -13.91 -17.18 -19.06
C ARG A 92 -13.26 -15.95 -19.69
N ALA A 93 -13.55 -14.79 -19.16
CA ALA A 93 -13.00 -13.55 -19.66
C ALA A 93 -11.45 -13.57 -19.60
N ILE A 94 -10.89 -13.81 -18.40
CA ILE A 94 -9.44 -13.93 -18.21
C ILE A 94 -8.86 -15.11 -18.94
N ARG A 95 -9.66 -16.16 -19.22
CA ARG A 95 -9.11 -17.28 -19.99
C ARG A 95 -8.95 -16.88 -21.45
N ASN A 96 -9.88 -16.09 -22.01
CA ASN A 96 -9.82 -15.69 -23.42
C ASN A 96 -8.85 -14.58 -23.64
N CYS A 97 -8.96 -13.50 -22.84
CA CYS A 97 -8.10 -12.31 -22.99
C CYS A 97 -7.22 -12.08 -21.73
N PRO A 98 -6.25 -12.98 -21.50
CA PRO A 98 -5.41 -12.87 -20.30
C PRO A 98 -4.53 -11.65 -20.26
N TRP A 99 -4.09 -11.20 -21.43
CA TRP A 99 -3.23 -10.03 -21.53
C TRP A 99 -3.89 -8.78 -20.93
N THR A 100 -5.23 -8.71 -20.89
CA THR A 100 -5.98 -7.54 -20.35
C THR A 100 -6.08 -7.52 -18.80
N VAL A 101 -5.34 -6.58 -18.16
CA VAL A 101 -5.34 -6.44 -16.70
C VAL A 101 -6.72 -6.26 -16.10
N ALA A 102 -7.56 -5.38 -16.68
CA ALA A 102 -8.89 -5.05 -16.16
C ALA A 102 -9.69 -6.24 -15.81
N LEU A 103 -9.63 -7.26 -16.68
CA LEU A 103 -10.36 -8.50 -16.50
C LEU A 103 -10.02 -9.20 -15.20
N TRP A 104 -8.72 -9.19 -14.83
CA TRP A 104 -8.26 -9.79 -13.57
C TRP A 104 -8.78 -8.96 -12.42
N SER A 105 -8.52 -7.65 -12.47
CA SER A 105 -8.99 -6.72 -11.45
C SER A 105 -10.46 -6.90 -11.21
N ARG A 106 -11.25 -6.89 -12.28
CA ARG A 106 -12.70 -7.11 -12.23
C ARG A 106 -13.06 -8.42 -11.59
N TYR A 107 -12.37 -9.51 -11.99
CA TYR A 107 -12.56 -10.85 -11.44
C TYR A 107 -12.37 -10.85 -9.90
N LEU A 108 -11.35 -10.10 -9.43
CA LEU A 108 -11.05 -10.05 -8.03
C LEU A 108 -12.19 -9.39 -7.22
N LEU A 109 -12.73 -8.30 -7.71
CA LEU A 109 -13.82 -7.62 -7.03
C LEU A 109 -15.04 -8.48 -7.01
N ALA A 110 -15.34 -9.11 -8.17
CA ALA A 110 -16.49 -10.01 -8.31
C ALA A 110 -16.41 -11.11 -7.22
N GLU A 112 -14.63 -11.05 -4.37
CA GLU A 112 -14.76 -10.40 -3.08
C GLU A 112 -16.24 -10.05 -2.83
N ARG A 113 -16.88 -9.40 -3.83
CA ARG A 113 -18.29 -9.03 -3.78
C ARG A 113 -19.12 -10.24 -3.37
N HIS A 114 -18.84 -11.42 -3.98
CA HIS A 114 -19.59 -12.63 -3.70
C HIS A 114 -19.00 -13.50 -2.59
N GLY A 115 -18.10 -12.91 -1.77
CA GLY A 115 -17.51 -13.55 -0.60
C GLY A 115 -16.85 -14.90 -0.82
N VAL A 116 -15.91 -14.94 -1.75
CA VAL A 116 -15.11 -16.12 -2.03
C VAL A 116 -13.96 -16.14 -1.02
N ASP A 117 -13.62 -17.36 -0.48
CA ASP A 117 -12.52 -17.52 0.48
C ASP A 117 -11.28 -16.81 0.06
N HIS A 118 -10.54 -16.34 1.08
CA HIS A 118 -9.28 -15.57 0.97
C HIS A 118 -8.22 -16.39 0.28
N GLN A 119 -8.04 -17.65 0.75
CA GLN A 119 -7.13 -18.63 0.17
C GLN A 119 -7.37 -18.66 -1.35
N VAL A 120 -8.66 -18.77 -1.79
CA VAL A 120 -9.01 -18.76 -3.21
C VAL A 120 -8.68 -17.42 -3.90
N ILE A 121 -9.11 -16.30 -3.32
CA ILE A 121 -8.86 -14.98 -3.94
C ILE A 121 -7.34 -14.73 -4.07
N SER A 122 -6.57 -14.91 -3.00
CA SER A 122 -5.13 -14.70 -3.04
C SER A 122 -4.40 -15.57 -4.10
N VAL A 123 -4.95 -16.74 -4.45
CA VAL A 123 -4.39 -17.64 -5.48
C VAL A 123 -4.66 -17.08 -6.88
N THR A 124 -5.87 -16.55 -7.10
CA THR A 124 -6.24 -15.95 -8.38
C THR A 124 -5.32 -14.77 -8.66
N PHE A 125 -5.01 -13.97 -7.63
CA PHE A 125 -4.13 -12.82 -7.75
C PHE A 125 -2.75 -13.26 -8.26
N GLU A 126 -2.25 -14.35 -7.71
CA GLU A 126 -0.96 -14.84 -8.15
C GLU A 126 -1.02 -15.24 -9.64
N LYS A 127 -2.13 -15.86 -10.08
CA LYS A 127 -2.31 -16.21 -11.49
C LYS A 127 -2.24 -14.95 -12.35
N ALA A 128 -2.87 -13.85 -11.90
CA ALA A 128 -2.84 -12.56 -12.60
C ALA A 128 -1.42 -12.08 -12.80
N LEU A 129 -0.62 -12.04 -11.69
CA LEU A 129 0.80 -11.66 -11.77
C LEU A 129 1.57 -12.41 -12.84
N ASN A 130 1.17 -13.67 -13.14
CA ASN A 130 1.82 -14.50 -14.15
C ASN A 130 1.17 -14.47 -15.54
N ALA A 131 -0.01 -13.86 -15.72
CA ALA A 131 -0.66 -13.87 -17.05
C ALA A 131 0.27 -13.27 -18.15
N GLY A 132 0.68 -12.03 -17.90
CA GLY A 132 1.64 -11.34 -18.75
C GLY A 132 1.03 -10.17 -19.46
N PHE A 133 1.30 -9.00 -18.95
CA PHE A 133 0.79 -7.74 -19.49
C PHE A 133 1.93 -7.01 -20.26
N ILE A 134 1.56 -6.18 -21.25
CA ILE A 134 2.57 -5.56 -22.12
C ILE A 134 3.28 -4.39 -21.46
N GLN A 135 2.70 -3.76 -20.41
CA GLN A 135 3.30 -2.59 -19.81
C GLN A 135 3.23 -2.46 -18.26
N ALA A 136 4.24 -1.75 -17.71
CA ALA A 136 4.46 -1.54 -16.28
C ALA A 136 3.27 -1.04 -15.49
N THR A 137 2.46 -0.15 -16.08
CA THR A 137 1.27 0.39 -15.41
C THR A 137 0.26 -0.68 -15.05
N ASP A 138 0.21 -1.75 -15.87
CA ASP A 138 -0.73 -2.85 -15.68
C ASP A 138 -0.38 -3.60 -14.39
N TYR A 139 0.92 -3.80 -14.16
CA TYR A 139 1.43 -4.47 -12.95
C TYR A 139 1.07 -3.69 -11.68
N VAL A 140 1.14 -2.37 -11.77
CA VAL A 140 0.73 -1.47 -10.69
C VAL A 140 -0.77 -1.58 -10.51
N GLU A 141 -1.52 -1.53 -11.60
CA GLU A 141 -2.98 -1.59 -11.54
C GLU A 141 -3.50 -2.83 -10.79
N ILE A 142 -2.95 -4.02 -11.06
CA ILE A 142 -3.40 -5.23 -10.35
C ILE A 142 -2.81 -5.30 -8.91
N TRP A 143 -1.76 -4.54 -8.61
CA TRP A 143 -1.23 -4.48 -7.24
C TRP A 143 -2.18 -3.59 -6.47
N GLN A 144 -2.54 -2.41 -7.04
CA GLN A 144 -3.55 -1.52 -6.43
C GLN A 144 -4.80 -2.38 -6.07
N ALA A 145 -5.23 -3.27 -6.98
CA ALA A 145 -6.40 -4.11 -6.77
C ALA A 145 -6.31 -5.00 -5.55
N TYR A 146 -5.23 -5.76 -5.47
CA TYR A 146 -5.03 -6.72 -4.39
C TYR A 146 -4.82 -6.05 -3.02
N LEU A 147 -4.20 -4.85 -3.04
CA LEU A 147 -3.96 -4.08 -1.80
C LEU A 147 -5.24 -3.47 -1.30
N ASP A 148 -6.13 -3.03 -2.21
CA ASP A 148 -7.46 -2.53 -1.80
C ASP A 148 -8.29 -3.70 -1.23
N TYR A 149 -8.23 -4.89 -1.86
CA TYR A 149 -8.87 -6.12 -1.35
C TYR A 149 -8.31 -6.48 0.04
N LEU A 150 -6.96 -6.60 0.16
CA LEU A 150 -6.31 -6.92 1.45
C LEU A 150 -6.67 -5.85 2.49
N ARG A 151 -6.86 -4.56 2.07
CA ARG A 151 -7.23 -3.50 3.01
C ARG A 151 -8.63 -3.66 3.55
N ARG A 152 -9.59 -3.98 2.68
CA ARG A 152 -10.98 -4.24 3.11
C ARG A 152 -11.13 -5.45 4.06
N ARG A 153 -10.13 -6.34 4.14
CA ARG A 153 -10.16 -7.43 5.10
C ARG A 153 -9.87 -6.95 6.53
N VAL A 154 -9.13 -5.82 6.66
CA VAL A 154 -8.67 -5.31 7.95
C VAL A 154 -9.77 -4.67 8.78
N ASP A 155 -9.75 -4.93 10.10
CA ASP A 155 -10.61 -4.24 11.05
C ASP A 155 -9.66 -3.30 11.77
N PHE A 156 -9.62 -2.04 11.30
CA PHE A 156 -8.72 -1.05 11.88
C PHE A 156 -9.13 -0.63 13.30
N LYS A 157 -10.31 -1.08 13.79
CA LYS A 157 -10.69 -0.85 15.18
C LYS A 157 -9.67 -1.58 16.06
N GLN A 158 -9.25 -2.80 15.61
CA GLN A 158 -8.27 -3.60 16.35
C GLN A 158 -6.86 -3.02 16.01
N ASP A 159 -6.26 -2.36 17.03
CA ASP A 159 -4.92 -1.72 17.03
C ASP A 159 -3.90 -2.55 16.23
N SER A 160 -3.79 -3.85 16.53
CA SER A 160 -2.88 -4.79 15.87
C SER A 160 -3.61 -6.07 15.50
N SER A 161 -3.37 -6.58 14.29
CA SER A 161 -4.05 -7.79 13.82
C SER A 161 -3.29 -8.52 12.74
N LYS A 162 -3.64 -9.82 12.53
CA LYS A 162 -3.04 -10.66 11.49
C LYS A 162 -3.23 -10.00 10.07
N GLU A 163 -4.41 -9.40 9.84
CA GLU A 163 -4.78 -8.80 8.56
C GLU A 163 -3.99 -7.53 8.25
N LEU A 164 -3.73 -6.71 9.28
CA LEU A 164 -2.93 -5.47 9.17
C LEU A 164 -1.47 -5.86 8.91
N GLU A 165 -0.97 -6.82 9.69
CA GLU A 165 0.36 -7.35 9.49
C GLU A 165 0.46 -7.83 8.04
N GLU A 166 -0.57 -8.58 7.59
CA GLU A 166 -0.64 -9.08 6.22
C GLU A 166 -0.66 -7.92 5.20
N LEU A 167 -1.45 -6.87 5.49
CA LEU A 167 -1.56 -5.70 4.63
C LEU A 167 -0.20 -5.04 4.44
N ARG A 168 0.50 -4.77 5.54
CA ARG A 168 1.81 -4.10 5.47
C ARG A 168 2.82 -4.90 4.67
N ALA A 169 2.88 -6.24 4.93
CA ALA A 169 3.80 -7.13 4.21
C ALA A 169 3.53 -7.07 2.71
N ALA A 170 2.24 -7.08 2.32
CA ALA A 170 1.86 -6.99 0.92
C ALA A 170 2.36 -5.69 0.29
N PHE A 171 2.20 -4.54 0.98
CA PHE A 171 2.69 -3.27 0.44
C PHE A 171 4.20 -3.40 0.20
N THR A 172 4.94 -3.87 1.23
CA THR A 172 6.38 -4.06 1.13
C THR A 172 6.71 -4.98 -0.05
N ARG A 173 5.94 -6.06 -0.24
CA ARG A 173 6.14 -6.97 -1.37
C ARG A 173 5.88 -6.26 -2.71
N ALA A 174 4.82 -5.46 -2.76
CA ALA A 174 4.41 -4.73 -3.95
C ALA A 174 5.48 -3.74 -4.35
N LEU A 175 5.95 -2.97 -3.37
CA LEU A 175 6.97 -1.96 -3.60
C LEU A 175 8.27 -2.59 -4.03
N GLU A 176 8.59 -3.76 -3.51
CA GLU A 176 9.79 -4.46 -3.95
C GLU A 176 9.54 -5.02 -5.33
N TYR A 177 8.33 -5.57 -5.58
CA TYR A 177 8.01 -6.16 -6.88
C TYR A 177 8.19 -5.16 -8.01
N LEU A 178 7.83 -3.91 -7.78
CA LEU A 178 8.01 -2.84 -8.76
C LEU A 178 9.51 -2.48 -8.92
N LYS A 179 10.26 -2.44 -7.81
CA LYS A 179 11.71 -2.14 -7.84
C LYS A 179 12.55 -3.29 -8.47
N GLN A 180 12.13 -4.57 -8.30
CA GLN A 180 12.88 -5.72 -8.84
C GLN A 180 12.36 -6.19 -10.20
N GLU A 181 11.14 -6.71 -10.26
CA GLU A 181 10.61 -7.28 -11.50
C GLU A 181 10.27 -6.22 -12.60
N VAL A 182 9.53 -5.16 -12.25
CA VAL A 182 9.06 -4.16 -13.22
C VAL A 182 10.20 -3.28 -13.72
N GLU A 183 11.11 -2.90 -12.81
CA GLU A 183 12.30 -2.09 -13.13
C GLU A 183 13.19 -2.84 -14.10
N GLU A 184 13.43 -4.13 -13.82
CA GLU A 184 14.30 -4.97 -14.65
C GLU A 184 13.70 -5.21 -16.05
N ARG A 185 12.39 -5.38 -16.12
CA ARG A 185 11.68 -5.64 -17.38
C ARG A 185 11.35 -4.38 -18.22
N PHE A 186 11.12 -3.21 -17.60
CA PHE A 186 10.69 -2.03 -18.34
C PHE A 186 11.58 -0.82 -18.16
N ASN A 187 12.65 -0.89 -17.32
CA ASN A 187 13.55 0.25 -17.04
C ASN A 187 12.73 1.48 -16.56
N GLU A 188 11.63 1.19 -15.83
CA GLU A 188 10.63 2.13 -15.37
C GLU A 188 9.90 1.47 -14.17
N SER A 189 9.34 2.29 -13.24
CA SER A 189 8.64 1.76 -12.06
C SER A 189 7.17 1.43 -12.32
N GLY A 190 6.53 2.21 -13.20
CA GLY A 190 5.10 2.09 -13.49
C GLY A 190 4.25 3.00 -12.60
N ASP A 191 4.84 3.49 -11.50
CA ASP A 191 4.20 4.34 -10.50
C ASP A 191 5.13 5.55 -10.28
N PRO A 192 5.08 6.53 -11.20
CA PRO A 192 5.97 7.70 -11.12
C PRO A 192 5.65 8.66 -9.99
N SER A 193 4.36 8.88 -9.74
CA SER A 193 3.84 9.73 -8.66
C SER A 193 3.77 8.98 -7.32
N CYS A 194 4.10 7.66 -7.32
CA CYS A 194 4.17 6.82 -6.13
C CYS A 194 2.80 6.65 -5.42
N VAL A 195 1.79 6.41 -6.25
CA VAL A 195 0.40 6.17 -5.83
C VAL A 195 0.35 5.05 -4.79
N ILE A 196 1.06 3.93 -5.04
CA ILE A 196 1.07 2.81 -4.10
C ILE A 196 1.56 3.30 -2.75
N GLN A 198 1.72 6.48 -1.72
CA GLN A 198 0.76 7.47 -1.27
C GLN A 198 -0.36 6.78 -0.55
N ASN A 199 -0.98 5.80 -1.22
CA ASN A 199 -2.07 4.96 -0.68
C ASN A 199 -1.74 4.38 0.70
N TRP A 200 -0.48 3.92 0.88
CA TRP A 200 -0.02 3.35 2.16
C TRP A 200 0.04 4.44 3.26
N ALA A 201 0.79 5.53 3.01
CA ALA A 201 0.87 6.67 3.92
C ALA A 201 -0.53 7.17 4.35
N ARG A 202 -1.48 7.27 3.42
CA ARG A 202 -2.83 7.71 3.82
C ARG A 202 -3.46 6.68 4.83
N ILE A 203 -3.26 5.36 4.63
CA ILE A 203 -3.79 4.32 5.53
C ILE A 203 -3.09 4.40 6.86
N GLU A 204 -1.76 4.47 6.78
CA GLU A 204 -0.89 4.43 7.94
C GLU A 204 -1.20 5.64 8.83
N ALA A 205 -1.39 6.80 8.21
CA ALA A 205 -1.77 8.02 8.93
C ALA A 205 -3.21 7.98 9.43
N ARG A 206 -4.20 8.00 8.51
CA ARG A 206 -5.61 8.07 8.89
C ARG A 206 -6.14 6.89 9.68
N LEU A 207 -5.69 5.66 9.38
CA LEU A 207 -6.25 4.48 10.03
C LEU A 207 -5.33 3.75 11.02
N CYS A 208 -4.00 4.02 11.06
CA CYS A 208 -3.10 3.36 12.03
C CYS A 208 -2.41 4.31 13.02
N ASN A 209 -2.77 5.61 13.05
CA ASN A 209 -2.18 6.57 13.98
C ASN A 209 -0.64 6.46 13.90
N ASN A 210 -0.09 6.52 12.67
CA ASN A 210 1.34 6.32 12.45
C ASN A 210 1.86 7.29 11.42
N GLN A 212 4.55 8.95 11.62
CA GLN A 212 5.99 8.81 11.45
C GLN A 212 6.30 7.96 10.21
N LYS A 213 5.58 6.82 10.02
CA LYS A 213 5.79 6.01 8.80
C LYS A 213 5.41 6.87 7.57
N ALA A 214 4.23 7.54 7.63
CA ALA A 214 3.76 8.37 6.52
C ALA A 214 4.75 9.45 6.14
N ARG A 215 5.50 9.97 7.12
CA ARG A 215 6.53 10.97 6.85
C ARG A 215 7.69 10.33 6.13
N GLU A 216 8.22 9.22 6.71
CA GLU A 216 9.30 8.40 6.15
C GLU A 216 8.97 8.07 4.71
N LEU A 217 7.71 7.69 4.48
CA LEU A 217 7.20 7.36 3.16
C LEU A 217 7.22 8.57 2.28
N TRP A 218 6.60 9.65 2.72
CA TRP A 218 6.54 10.85 1.87
C TRP A 218 7.93 11.44 1.54
N ASP A 219 8.96 11.27 2.43
CA ASP A 219 10.31 11.71 2.10
C ASP A 219 10.82 10.84 0.94
N SER A 220 10.52 9.53 0.96
CA SER A 220 10.91 8.67 -0.16
C SER A 220 10.20 9.11 -1.46
N ILE A 221 8.88 9.43 -1.38
CA ILE A 221 8.12 9.89 -2.54
C ILE A 221 8.82 11.09 -3.14
N THR A 223 11.78 12.09 -2.68
CA THR A 223 13.12 11.70 -3.14
C THR A 223 13.10 11.06 -4.53
N ARG A 224 12.00 10.35 -4.88
CA ARG A 224 11.85 9.73 -6.19
C ARG A 224 11.35 10.72 -7.26
N GLY A 225 11.91 11.94 -7.24
CA GLY A 225 11.60 13.03 -8.16
C GLY A 225 10.21 13.65 -8.09
N ASN A 226 9.61 13.81 -6.88
CA ASN A 226 8.27 14.40 -6.77
C ASN A 226 8.21 15.72 -5.99
N ALA A 227 9.35 16.23 -5.53
CA ALA A 227 9.39 17.51 -4.82
C ALA A 227 9.14 18.65 -5.80
N LYS A 228 9.57 18.55 -7.06
CA LYS A 228 9.32 19.62 -8.04
C LYS A 228 7.79 20.00 -8.15
N TYR A 229 6.85 19.07 -7.82
CA TYR A 229 5.41 19.33 -7.97
C TYR A 229 4.73 19.93 -6.76
N ALA A 230 3.85 20.91 -6.99
CA ALA A 230 3.13 21.59 -5.91
C ALA A 230 2.02 20.70 -5.33
N ASN A 231 1.30 20.00 -6.20
CA ASN A 231 0.21 19.10 -5.81
C ASN A 231 0.67 17.97 -4.90
N TRP A 233 3.32 18.28 -2.84
CA TRP A 233 3.57 18.94 -1.55
C TRP A 233 2.27 19.13 -0.83
N LEU A 234 1.26 19.63 -1.54
CA LEU A 234 -0.02 19.91 -0.90
C LEU A 234 -0.74 18.66 -0.45
N GLU A 235 -0.54 17.51 -1.15
CA GLU A 235 -1.11 16.22 -0.73
C GLU A 235 -0.51 15.85 0.61
N TYR A 236 0.83 15.97 0.73
CA TYR A 236 1.53 15.67 1.98
C TYR A 236 1.03 16.62 3.06
N TYR A 237 1.06 17.95 2.76
CA TYR A 237 0.56 18.99 3.68
C TYR A 237 -0.83 18.61 4.22
N ASN A 238 -1.82 18.47 3.33
CA ASN A 238 -3.18 18.05 3.74
C ASN A 238 -3.15 16.85 4.70
N LEU A 239 -2.31 15.83 4.41
CA LEU A 239 -2.19 14.64 5.26
C LEU A 239 -1.74 14.99 6.66
N GLU A 240 -0.67 15.79 6.75
CA GLU A 240 -0.16 16.32 8.03
C GLU A 240 -1.24 17.20 8.75
N ARG A 241 -1.92 18.11 8.01
CA ARG A 241 -2.94 18.97 8.60
C ARG A 241 -4.02 18.18 9.34
N ALA A 242 -4.34 16.95 8.87
CA ALA A 242 -5.38 16.13 9.51
C ALA A 242 -4.86 15.29 10.64
N HIS A 243 -3.85 14.45 10.32
CA HIS A 243 -3.28 13.45 11.20
C HIS A 243 -1.89 13.78 11.76
N GLY A 244 -1.53 15.06 11.83
CA GLY A 244 -0.24 15.49 12.35
C GLY A 244 -0.34 16.73 13.21
N ASP A 245 0.46 17.76 12.89
CA ASP A 245 0.44 19.02 13.64
C ASP A 245 0.98 20.18 12.82
N THR A 246 0.82 21.40 13.35
CA THR A 246 1.25 22.63 12.69
C THR A 246 2.75 22.68 12.49
N GLN A 247 3.55 22.50 13.55
CA GLN A 247 5.02 22.53 13.44
C GLN A 247 5.48 21.78 12.17
N HIS A 248 4.96 20.56 11.97
CA HIS A 248 5.30 19.82 10.75
C HIS A 248 4.72 20.44 9.48
N CYS A 249 3.47 20.91 9.52
CA CYS A 249 2.90 21.64 8.38
C CYS A 249 3.83 22.84 8.03
N ARG A 250 4.26 23.61 9.05
CA ARG A 250 5.11 24.78 8.88
C ARG A 250 6.42 24.43 8.21
N LYS A 251 7.20 23.53 8.81
CA LYS A 251 8.49 23.08 8.25
C LYS A 251 8.34 22.55 6.82
N ALA A 252 7.20 21.93 6.50
CA ALA A 252 6.93 21.34 5.19
C ALA A 252 6.69 22.34 4.10
N LEU A 253 5.78 23.29 4.37
CA LEU A 253 5.44 24.37 3.44
C LEU A 253 6.65 25.29 3.18
N HIS A 254 7.53 25.42 4.18
CA HIS A 254 8.76 26.20 4.05
C HIS A 254 9.66 25.55 3.07
N ARG A 255 9.78 24.21 3.17
CA ARG A 255 10.61 23.38 2.28
C ARG A 255 9.97 23.31 0.89
N ALA A 256 8.62 23.27 0.84
CA ALA A 256 7.86 23.24 -0.41
C ALA A 256 8.10 24.48 -1.24
N VAL A 257 8.08 25.71 -0.64
CA VAL A 257 8.33 26.94 -1.42
C VAL A 257 9.68 26.85 -2.08
N GLN A 258 10.68 26.27 -1.39
CA GLN A 258 12.01 26.10 -1.97
C GLN A 258 11.94 25.14 -3.18
N CYS A 259 11.44 23.92 -2.96
CA CYS A 259 11.41 22.84 -3.95
C CYS A 259 10.40 22.99 -5.10
N THR A 260 9.27 23.63 -4.86
CA THR A 260 8.25 23.77 -5.91
C THR A 260 8.76 24.55 -7.11
N SER A 261 8.60 23.96 -8.30
CA SER A 261 8.99 24.54 -9.59
C SER A 261 7.78 24.94 -10.42
N ASP A 262 6.85 23.99 -10.61
CA ASP A 262 5.63 24.17 -11.40
C ASP A 262 4.74 25.33 -10.93
N TYR A 263 4.39 25.42 -9.64
CA TYR A 263 3.46 26.43 -9.15
C TYR A 263 3.81 26.96 -7.75
N PRO A 264 4.92 27.72 -7.59
CA PRO A 264 5.29 28.23 -6.25
C PRO A 264 4.30 29.22 -5.63
N GLU A 265 3.74 30.09 -6.44
CA GLU A 265 2.73 31.04 -5.98
C GLU A 265 1.62 30.36 -5.21
N HIS A 266 1.18 29.18 -5.65
CA HIS A 266 0.11 28.47 -4.96
C HIS A 266 0.57 28.05 -3.58
N VAL A 267 1.70 27.36 -3.54
CA VAL A 267 2.30 26.88 -2.29
C VAL A 267 2.48 28.02 -1.29
N CYS A 268 3.05 29.14 -1.77
CA CYS A 268 3.30 30.35 -0.98
C CYS A 268 1.99 30.79 -0.33
N GLU A 269 0.94 30.94 -1.17
CA GLU A 269 -0.38 31.40 -0.70
C GLU A 269 -0.97 30.46 0.36
N VAL A 270 -0.81 29.13 0.16
CA VAL A 270 -1.27 28.14 1.15
C VAL A 270 -0.55 28.37 2.49
N LEU A 271 0.76 28.67 2.44
CA LEU A 271 1.54 28.95 3.65
C LEU A 271 0.98 30.16 4.33
N LEU A 272 0.98 31.30 3.61
CA LEU A 272 0.52 32.62 4.13
C LEU A 272 -0.88 32.49 4.76
N THR A 273 -1.72 31.58 4.25
CA THR A 273 -3.07 31.40 4.78
C THR A 273 -3.09 30.74 6.13
N GLU A 275 -0.66 30.61 8.37
CA GLU A 275 -0.04 31.49 9.35
C GLU A 275 -1.04 32.61 9.73
N ARG A 276 -1.88 33.01 8.76
CA ARG A 276 -2.94 34.00 8.92
C ARG A 276 -4.05 33.36 9.77
N THR A 277 -4.29 32.05 9.60
CA THR A 277 -5.34 31.33 10.32
C THR A 277 -4.93 30.88 11.75
N GLU A 278 -3.61 30.59 12.01
CA GLU A 278 -3.23 30.13 13.38
C GLU A 278 -1.81 30.44 13.88
N GLY A 279 -0.94 31.03 13.06
CA GLY A 279 0.43 31.27 13.47
C GLY A 279 0.65 32.57 14.21
N SER A 280 1.83 32.71 14.80
CA SER A 280 2.20 33.96 15.46
C SER A 280 2.49 35.03 14.37
N LEU A 281 2.74 36.26 14.82
CA LEU A 281 3.01 37.33 13.88
C LEU A 281 4.40 37.12 13.26
N GLU A 282 5.43 36.81 14.08
CA GLU A 282 6.77 36.55 13.55
C GLU A 282 6.76 35.34 12.58
N ASP A 283 5.84 34.36 12.78
CA ASP A 283 5.69 33.23 11.85
C ASP A 283 5.13 33.76 10.52
N TRP A 284 4.09 34.59 10.61
CA TRP A 284 3.50 35.25 9.44
C TRP A 284 4.57 36.10 8.72
N ASP A 285 5.43 36.80 9.50
CA ASP A 285 6.53 37.60 8.92
C ASP A 285 7.57 36.69 8.24
N ILE A 286 8.09 35.68 8.96
CA ILE A 286 9.02 34.68 8.42
C ILE A 286 8.51 34.16 7.06
N ALA A 287 7.19 33.89 6.98
CA ALA A 287 6.53 33.37 5.80
C ALA A 287 6.61 34.33 4.64
N VAL A 288 6.29 35.57 4.92
CA VAL A 288 6.30 36.65 3.94
C VAL A 288 7.69 36.78 3.34
N GLN A 289 8.72 36.74 4.17
CA GLN A 289 10.10 36.84 3.70
C GLN A 289 10.45 35.62 2.83
N LYS A 290 10.24 34.43 3.36
CA LYS A 290 10.51 33.19 2.66
C LYS A 290 9.78 33.13 1.29
N THR A 291 8.50 33.50 1.23
CA THR A 291 7.77 33.47 -0.05
C THR A 291 8.36 34.50 -1.05
N GLU A 292 8.51 35.76 -0.59
CA GLU A 292 9.13 36.82 -1.37
C GLU A 292 10.45 36.35 -1.96
N THR A 293 11.34 35.83 -1.10
CA THR A 293 12.67 35.35 -1.50
C THR A 293 12.58 34.36 -2.65
N ARG A 294 11.63 33.44 -2.60
CA ARG A 294 11.48 32.46 -3.67
C ARG A 294 11.02 33.18 -4.93
N LEU A 295 9.96 34.01 -4.80
CA LEU A 295 9.39 34.73 -5.96
C LEU A 295 10.33 35.80 -6.55
N ALA A 296 11.43 36.16 -5.85
CA ALA A 296 12.45 37.08 -6.35
C ALA A 296 13.12 36.52 -7.60
N ARG A 297 13.25 35.15 -7.72
CA ARG A 297 13.87 34.51 -8.89
C ARG A 297 12.83 33.98 -9.87
N ALA B 7 11.74 -11.12 37.40
CA ALA B 7 11.06 -12.21 36.70
C ALA B 7 9.52 -12.01 36.72
N ALA B 8 9.05 -11.02 35.95
CA ALA B 8 7.62 -10.64 35.84
C ALA B 8 6.74 -11.73 35.23
N ASP B 9 5.40 -11.63 35.43
CA ASP B 9 4.45 -12.61 34.87
C ASP B 9 4.27 -12.38 33.35
N LEU B 10 3.82 -13.43 32.63
CA LEU B 10 3.64 -13.45 31.16
C LEU B 10 2.79 -12.31 30.65
N ASP B 11 1.57 -12.17 31.19
CA ASP B 11 0.63 -11.13 30.75
C ASP B 11 1.17 -9.69 30.91
N THR B 12 2.02 -9.43 31.92
CA THR B 12 2.61 -8.10 32.10
C THR B 12 3.78 -7.86 31.10
N GLN B 13 4.51 -8.91 30.66
CA GLN B 13 5.58 -8.74 29.67
C GLN B 13 4.97 -8.34 28.34
N ARG B 14 3.96 -9.09 27.88
CA ARG B 14 3.19 -8.80 26.68
C ARG B 14 2.68 -7.33 26.72
N SER B 15 2.03 -6.95 27.84
CA SER B 15 1.43 -5.62 28.02
C SER B 15 2.45 -4.48 28.07
N ASP B 16 3.51 -4.63 28.90
CA ASP B 16 4.57 -3.61 29.04
C ASP B 16 5.32 -3.39 27.71
N ILE B 17 5.67 -4.48 27.01
CA ILE B 17 6.43 -4.42 25.76
C ILE B 17 5.57 -3.88 24.63
N ALA B 18 4.34 -4.39 24.51
CA ALA B 18 3.42 -3.94 23.46
C ALA B 18 3.28 -2.44 23.49
N THR B 19 2.94 -1.90 24.66
CA THR B 19 2.81 -0.46 24.85
C THR B 19 4.14 0.25 24.56
N LEU B 20 5.26 -0.26 25.10
CA LEU B 20 6.55 0.36 24.85
C LEU B 20 6.97 0.39 23.36
N LEU B 21 6.51 -0.57 22.53
CA LEU B 21 6.84 -0.54 21.11
C LEU B 21 6.15 0.62 20.40
N LYS B 22 5.04 1.11 20.95
CA LYS B 22 4.34 2.27 20.41
C LYS B 22 5.06 3.62 20.75
N THR B 23 6.20 3.58 21.52
CA THR B 23 6.91 4.81 21.91
C THR B 23 7.31 5.64 20.71
N SER B 24 7.14 6.97 20.82
CA SER B 24 7.45 7.88 19.72
C SER B 24 8.96 7.98 19.51
N LEU B 25 9.34 8.29 18.29
CA LEU B 25 10.74 8.45 17.94
C LEU B 25 11.13 9.92 18.10
N ARG B 26 11.58 10.29 19.31
CA ARG B 26 12.02 11.64 19.64
C ARG B 26 13.57 11.72 19.55
N LYS B 27 14.12 12.74 18.81
CA LYS B 27 15.57 12.95 18.60
C LYS B 27 16.39 12.82 19.90
N GLY B 28 17.56 12.20 19.80
CA GLY B 28 18.46 12.00 20.95
C GLY B 28 18.15 10.80 21.84
N ASP B 29 16.95 10.20 21.72
CA ASP B 29 16.57 9.04 22.53
C ASP B 29 17.37 7.81 22.11
N THR B 30 17.64 6.89 23.06
CA THR B 30 18.44 5.70 22.82
C THR B 30 17.61 4.41 22.78
N TRP B 31 17.60 3.76 21.61
CA TRP B 31 16.93 2.48 21.38
C TRP B 31 17.99 1.41 21.20
N TYR B 32 17.56 0.15 21.35
CA TYR B 32 18.42 -1.03 21.26
C TYR B 32 17.80 -2.07 20.30
N LEU B 33 18.63 -2.75 19.50
CA LEU B 33 18.16 -3.77 18.57
C LEU B 33 17.99 -5.10 19.28
N VAL B 34 17.10 -5.94 18.75
CA VAL B 34 16.83 -7.29 19.26
C VAL B 34 16.70 -8.21 18.04
N ASP B 35 17.44 -9.34 18.04
CA ASP B 35 17.40 -10.32 16.94
C ASP B 35 15.97 -10.86 16.76
N SER B 36 15.52 -10.97 15.49
CA SER B 36 14.21 -11.52 15.15
C SER B 36 14.11 -12.99 15.58
N ARG B 37 15.21 -13.75 15.50
CA ARG B 37 15.22 -15.15 15.95
C ARG B 37 14.72 -15.27 17.41
N TRP B 38 15.30 -14.44 18.31
CA TRP B 38 14.97 -14.43 19.75
C TRP B 38 13.60 -13.82 20.04
N PHE B 39 13.32 -12.65 19.45
CA PHE B 39 12.07 -11.93 19.72
C PHE B 39 10.84 -12.69 19.17
N LYS B 40 10.93 -13.31 17.98
CA LYS B 40 9.80 -14.05 17.42
C LYS B 40 9.43 -15.25 18.31
N GLN B 41 10.43 -15.80 19.05
CA GLN B 41 10.21 -16.89 20.01
C GLN B 41 9.69 -16.31 21.33
N TRP B 42 10.20 -15.15 21.76
CA TRP B 42 9.72 -14.51 22.99
C TRP B 42 8.23 -14.24 22.82
N LYS B 43 7.82 -13.83 21.61
CA LYS B 43 6.43 -13.58 21.26
C LYS B 43 5.57 -14.85 21.47
N LYS B 44 6.06 -16.02 21.01
CA LYS B 44 5.36 -17.31 21.18
C LYS B 44 5.17 -17.67 22.67
N TYR B 45 6.25 -17.51 23.45
CA TYR B 45 6.27 -17.85 24.88
C TYR B 45 5.34 -16.95 25.71
N VAL B 46 5.31 -15.63 25.43
CA VAL B 46 4.43 -14.70 26.18
C VAL B 46 3.00 -14.66 25.62
N GLY B 47 2.76 -15.33 24.48
CA GLY B 47 1.46 -15.30 23.83
C GLY B 47 1.22 -13.89 23.35
N PHE B 48 2.24 -13.29 22.71
CA PHE B 48 2.19 -11.90 22.30
C PHE B 48 1.11 -11.61 21.27
N ASP B 49 0.92 -12.49 20.27
CA ASP B 49 -0.06 -12.27 19.19
C ASP B 49 -1.32 -13.06 19.46
N SER B 50 -2.45 -12.34 19.63
CA SER B 50 -3.76 -12.92 19.95
C SER B 50 -4.18 -14.13 19.11
N TRP B 51 -3.83 -14.14 17.82
CA TRP B 51 -4.20 -15.21 16.89
C TRP B 51 -3.34 -16.46 17.08
N ASP B 52 -2.01 -16.33 17.16
CA ASP B 52 -1.10 -17.46 17.44
C ASP B 52 -0.71 -17.36 18.92
N LYS B 53 -1.56 -17.95 19.83
CA LYS B 53 -1.39 -17.83 21.29
C LYS B 53 -1.44 -19.16 22.09
N TYR B 54 -1.13 -20.29 21.45
CA TYR B 54 -1.19 -21.58 22.11
C TYR B 54 0.13 -22.04 22.78
N GLN B 55 1.28 -21.61 22.23
CA GLN B 55 2.59 -22.00 22.78
C GLN B 55 2.98 -21.20 24.05
N GLY B 57 3.76 -19.82 27.64
CA GLY B 57 4.21 -20.47 28.87
C GLY B 57 4.84 -21.85 28.72
N ASP B 58 5.25 -22.24 27.51
CA ASP B 58 5.84 -23.56 27.27
C ASP B 58 7.36 -23.46 27.27
N GLN B 59 8.04 -24.45 27.87
CA GLN B 59 9.50 -24.48 27.88
C GLN B 59 10.04 -24.82 26.48
N ASN B 60 9.22 -25.45 25.60
CA ASN B 60 9.63 -25.73 24.20
C ASN B 60 9.97 -24.41 23.41
N VAL B 61 9.51 -23.22 23.90
CA VAL B 61 9.78 -21.94 23.25
C VAL B 61 10.42 -20.87 24.20
N TYR B 62 10.80 -21.24 25.46
CA TYR B 62 11.47 -20.30 26.36
C TYR B 62 12.75 -19.85 25.65
N PRO B 63 12.90 -18.54 25.35
CA PRO B 63 14.04 -18.10 24.53
C PRO B 63 15.39 -17.98 25.23
N GLY B 64 15.39 -17.91 26.57
CA GLY B 64 16.61 -17.74 27.35
C GLY B 64 17.12 -16.33 27.25
N PRO B 65 18.36 -16.04 27.70
CA PRO B 65 18.90 -14.67 27.59
C PRO B 65 18.97 -14.14 26.16
N ILE B 66 18.93 -12.79 26.00
CA ILE B 66 18.95 -12.14 24.67
C ILE B 66 20.25 -12.55 23.95
N ASP B 67 20.11 -13.25 22.81
CA ASP B 67 21.22 -13.80 22.04
C ASP B 67 21.31 -13.16 20.65
N ASN B 68 21.81 -11.90 20.58
CA ASN B 68 22.00 -11.21 19.29
C ASN B 68 23.38 -11.62 18.72
N SER B 69 23.57 -12.94 18.52
CA SER B 69 24.78 -13.54 17.99
C SER B 69 24.77 -13.40 16.46
N GLY B 70 23.59 -13.59 15.84
CA GLY B 70 23.40 -13.40 14.41
C GLY B 70 23.51 -11.95 13.97
N LEU B 71 23.46 -11.00 14.95
CA LEU B 71 23.58 -9.57 14.72
C LEU B 71 25.04 -9.07 14.89
N LEU B 72 25.86 -9.74 15.71
CA LEU B 72 27.27 -9.38 15.91
C LEU B 72 28.14 -10.16 14.91
N LYS B 73 29.31 -9.60 14.47
CA LYS B 73 30.21 -10.22 13.48
C LYS B 73 31.11 -11.28 14.11
N ASP B 74 31.36 -12.39 13.38
CA ASP B 74 32.14 -13.54 13.85
C ASP B 74 33.55 -13.17 14.34
N GLY B 75 34.16 -12.16 13.73
CA GLY B 75 35.47 -11.67 14.12
C GLY B 75 35.42 -10.63 15.23
N ASP B 76 35.06 -11.06 16.46
CA ASP B 76 34.95 -10.21 17.66
C ASP B 76 34.07 -8.98 17.45
N SER B 79 28.73 -4.35 18.01
CA SER B 79 27.85 -3.46 17.26
C SER B 79 28.33 -3.49 15.78
N LEU B 80 28.00 -4.62 15.08
CA LEU B 80 28.50 -4.94 13.72
C LEU B 80 27.40 -5.52 12.78
N LYS B 81 27.82 -6.09 11.61
CA LYS B 81 27.00 -6.73 10.56
C LYS B 81 26.29 -5.71 9.66
N GLU B 82 26.78 -5.55 8.41
CA GLU B 82 26.18 -4.64 7.42
C GLU B 82 24.99 -5.30 6.70
N HIS B 83 24.20 -4.50 5.97
CA HIS B 83 23.02 -4.94 5.21
C HIS B 83 21.92 -5.60 6.05
N LEU B 84 21.88 -5.39 7.38
CA LEU B 84 20.81 -5.98 8.20
C LEU B 84 19.55 -5.13 7.98
N ILE B 85 18.38 -5.78 7.86
CA ILE B 85 17.12 -5.11 7.57
C ILE B 85 16.20 -5.06 8.80
N ASP B 86 15.51 -3.93 9.00
CA ASP B 86 14.59 -3.73 10.11
C ASP B 86 13.32 -4.55 9.85
N GLU B 87 12.75 -5.19 10.90
CA GLU B 87 11.58 -6.08 10.83
C GLU B 87 11.97 -7.51 10.42
N LEU B 88 12.84 -7.67 9.40
CA LEU B 88 13.28 -9.00 8.94
C LEU B 88 14.34 -9.59 9.87
N ASP B 89 15.48 -8.88 10.07
CA ASP B 89 16.61 -9.35 10.90
C ASP B 89 16.55 -8.89 12.37
N TYR B 90 15.93 -7.72 12.66
CA TYR B 90 15.86 -7.21 14.04
C TYR B 90 14.61 -6.41 14.30
N ILE B 91 14.36 -6.14 15.61
CA ILE B 91 13.27 -5.30 16.12
C ILE B 91 13.93 -4.20 17.03
N LEU B 92 13.74 -2.89 16.72
CA LEU B 92 14.28 -1.84 17.58
C LEU B 92 13.30 -1.70 18.76
N LEU B 93 13.78 -1.94 20.00
CA LEU B 93 12.98 -1.76 21.22
C LEU B 93 13.59 -0.55 21.98
N PRO B 94 12.77 0.31 22.64
CA PRO B 94 13.34 1.49 23.34
C PRO B 94 14.13 1.14 24.61
N THR B 95 14.76 2.17 25.22
CA THR B 95 15.59 2.00 26.43
C THR B 95 14.86 1.25 27.56
N GLU B 96 13.58 1.58 27.80
CA GLU B 96 12.80 0.93 28.87
C GLU B 96 12.48 -0.54 28.55
N GLY B 97 12.17 -0.83 27.29
CA GLY B 97 11.86 -2.19 26.86
C GLY B 97 13.08 -3.09 26.90
N TRP B 98 14.24 -2.52 26.53
CA TRP B 98 15.51 -3.24 26.56
C TRP B 98 15.91 -3.52 28.02
N ASN B 99 15.70 -2.54 28.92
CA ASN B 99 15.98 -2.72 30.35
C ASN B 99 15.11 -3.83 30.90
N LYS B 100 13.80 -3.80 30.59
CA LYS B 100 12.85 -4.82 31.02
C LYS B 100 13.24 -6.20 30.45
N LEU B 101 13.54 -6.27 29.14
CA LEU B 101 13.95 -7.52 28.49
C LEU B 101 15.19 -8.09 29.19
N VAL B 102 16.17 -7.21 29.51
CA VAL B 102 17.39 -7.60 30.23
C VAL B 102 17.02 -8.05 31.67
N SER B 103 16.15 -7.27 32.34
CA SER B 103 15.68 -7.53 33.71
C SER B 103 15.09 -8.92 33.91
N TRP B 104 14.31 -9.42 32.93
CA TRP B 104 13.63 -10.70 33.04
C TRP B 104 14.45 -11.93 32.61
N TYR B 105 15.08 -11.88 31.41
CA TYR B 105 15.81 -13.03 30.84
C TYR B 105 17.34 -12.98 30.95
N THR B 106 17.94 -11.78 31.20
CA THR B 106 19.42 -11.56 31.32
C THR B 106 20.06 -11.36 29.94
N LEU B 107 21.25 -10.75 29.90
CA LEU B 107 22.01 -10.52 28.67
C LEU B 107 23.13 -11.57 28.59
N GLU B 109 26.32 -13.97 28.23
CA GLU B 109 27.72 -13.69 28.59
C GLU B 109 28.56 -13.40 27.36
N GLY B 110 29.41 -12.39 27.45
CA GLY B 110 30.30 -11.98 26.37
C GLY B 110 29.57 -11.24 25.28
N GLN B 111 28.64 -10.34 25.66
CA GLN B 111 27.84 -9.58 24.71
C GLN B 111 27.56 -8.16 25.24
N GLU B 112 27.63 -7.17 24.35
CA GLU B 112 27.30 -5.78 24.67
C GLU B 112 26.03 -5.39 23.88
N PRO B 113 25.03 -4.67 24.47
CA PRO B 113 23.83 -4.29 23.70
C PRO B 113 24.09 -3.51 22.40
N ILE B 114 23.27 -3.74 21.35
CA ILE B 114 23.41 -3.02 20.07
C ILE B 114 22.62 -1.68 20.17
N ALA B 115 23.19 -0.72 20.90
CA ALA B 115 22.56 0.58 21.16
C ALA B 115 22.70 1.55 19.99
N ARG B 116 21.59 2.22 19.62
CA ARG B 116 21.54 3.20 18.54
C ARG B 116 20.77 4.44 19.00
N LYS B 117 20.92 5.59 18.31
CA LYS B 117 20.30 6.86 18.71
C LYS B 117 19.36 7.42 17.64
N VAL B 118 18.18 7.94 18.07
CA VAL B 118 17.17 8.52 17.16
C VAL B 118 17.65 9.87 16.70
N VAL B 119 17.42 10.17 15.39
CA VAL B 119 17.86 11.41 14.76
C VAL B 119 16.84 11.91 13.72
N GLU B 120 16.84 13.24 13.49
CA GLU B 120 16.02 13.87 12.46
C GLU B 120 16.68 13.49 11.10
N GLN B 121 15.86 13.17 10.09
CA GLN B 121 16.32 12.67 8.78
C GLN B 121 15.49 13.31 7.66
N GLY B 122 15.84 12.96 6.42
CA GLY B 122 15.08 13.34 5.23
C GLY B 122 15.27 14.76 4.74
N PHE B 124 13.65 16.16 2.25
CA PHE B 124 12.40 16.76 1.79
C PHE B 124 11.37 16.79 2.91
N VAL B 125 11.07 15.65 3.52
CA VAL B 125 10.11 15.60 4.62
C VAL B 125 10.83 15.19 5.87
N LYS B 126 11.10 16.15 6.75
CA LYS B 126 11.78 15.88 7.99
C LYS B 126 10.96 14.82 8.78
N HIS B 127 11.65 13.74 9.25
CA HIS B 127 11.08 12.62 9.98
C HIS B 127 12.14 11.95 10.87
N CYS B 128 11.71 11.15 11.86
CA CYS B 128 12.64 10.46 12.78
C CYS B 128 12.75 8.96 12.57
N LYS B 129 14.01 8.46 12.61
CA LYS B 129 14.33 7.04 12.46
C LYS B 129 15.63 6.74 13.27
N VAL B 130 15.70 5.53 13.88
CA VAL B 130 16.90 5.12 14.65
C VAL B 130 18.03 4.88 13.64
N GLU B 131 19.13 5.62 13.76
CA GLU B 131 20.27 5.51 12.84
C GLU B 131 21.02 4.20 13.12
N VAL B 132 20.70 3.12 12.37
CA VAL B 132 21.33 1.81 12.57
C VAL B 132 22.78 1.83 12.08
N TYR B 133 23.04 2.45 10.92
CA TYR B 133 24.40 2.54 10.35
C TYR B 133 24.90 3.99 10.29
N LEU B 134 26.21 4.17 10.12
CA LEU B 134 26.82 5.49 10.05
C LEU B 134 27.68 5.62 8.80
N THR B 135 28.00 6.87 8.46
CA THR B 135 28.81 7.20 7.29
C THR B 135 30.29 7.36 7.67
N GLU B 136 31.20 7.10 6.70
CA GLU B 136 32.64 7.21 6.91
C GLU B 136 33.37 7.45 5.58
N PHE B 153 30.95 9.02 11.27
CA PHE B 153 30.18 10.20 11.68
C PHE B 153 28.67 10.03 11.40
N SER B 154 27.83 10.76 12.18
CA SER B 154 26.36 10.72 12.04
C SER B 154 25.86 11.56 10.88
N LYS B 155 24.67 11.20 10.37
CA LYS B 155 24.02 11.88 9.25
C LYS B 155 23.58 13.30 9.63
N ALA B 156 23.25 13.53 10.92
CA ALA B 156 22.79 14.83 11.41
C ALA B 156 23.94 15.76 11.87
N ASP B 157 25.18 15.22 12.04
CA ASP B 157 26.35 16.05 12.40
C ASP B 157 26.73 16.89 11.17
N THR B 158 27.19 18.15 11.39
CA THR B 158 27.55 19.08 10.30
C THR B 158 29.00 18.92 9.81
N ILE B 159 29.31 19.41 8.58
CA ILE B 159 30.68 19.37 8.03
C ILE B 159 31.59 20.21 8.92
N ASP B 160 31.08 21.38 9.35
CA ASP B 160 31.76 22.27 10.30
C ASP B 160 31.99 21.55 11.67
N THR B 161 31.00 20.75 12.13
CA THR B 161 31.10 19.95 13.36
C THR B 161 32.08 18.79 13.17
N ILE B 162 32.16 18.22 11.94
CA ILE B 162 33.04 17.08 11.60
C ILE B 162 34.54 17.45 11.53
N GLU B 163 34.90 18.62 10.94
CA GLU B 163 36.31 19.03 10.84
C GLU B 163 36.90 19.39 12.21
N LYS B 164 36.11 20.12 13.04
CA LYS B 164 36.52 20.51 14.39
C LYS B 164 36.35 19.35 15.36
N SER B 197 25.56 22.95 6.99
CA SER B 197 24.39 22.06 6.98
C SER B 197 24.78 20.65 7.45
N THR B 198 23.80 19.73 7.53
CA THR B 198 24.08 18.34 7.98
C THR B 198 24.79 17.55 6.89
N ILE B 199 25.37 16.40 7.27
CA ILE B 199 26.05 15.52 6.32
C ILE B 199 25.07 15.06 5.23
N GLN B 200 23.82 14.75 5.62
CA GLN B 200 22.77 14.33 4.68
C GLN B 200 22.42 15.46 3.71
N ASP B 201 22.22 16.69 4.24
CA ASP B 201 21.92 17.88 3.42
C ASP B 201 23.03 18.11 2.39
N ALA B 202 24.29 17.86 2.77
CA ALA B 202 25.44 18.02 1.89
C ALA B 202 25.50 16.85 0.88
N GLY B 203 25.71 15.62 1.38
CA GLY B 203 25.76 14.41 0.57
C GLY B 203 27.13 13.75 0.48
N LEU B 204 27.24 12.51 1.02
CA LEU B 204 28.49 11.72 1.00
C LEU B 204 28.21 10.20 1.14
N TYR B 205 28.57 9.41 0.11
CA TYR B 205 28.34 7.96 0.09
C TYR B 205 29.27 7.22 1.08
#